data_5D7K
#
_entry.id   5D7K
#
_cell.length_a   135.439
_cell.length_b   135.439
_cell.length_c   64.360
_cell.angle_alpha   90.000
_cell.angle_beta   90.000
_cell.angle_gamma   120.000
#
_symmetry.space_group_name_H-M   'P 32 2 1'
#
loop_
_entity.id
_entity.type
_entity.pdbx_description
1 polymer 'MAV36 TCR Alpha Chain'
2 polymer 'MAV36 TCR Beta Chain'
3 non-polymer 'SULFATE ION'
4 water water
#
loop_
_entity_poly.entity_id
_entity_poly.type
_entity_poly.pdbx_seq_one_letter_code
_entity_poly.pdbx_strand_id
1 'polypeptide(L)'
;MEDKVVQSPLSLVVHEGDTVTLNCSYEVTNFRSLLWYKQEKKAPTFLFMLTSSGIEKKSGRLSSILDKKELSSILNITAT
QTGDSAIYLCAAYNTDKLIFGTGTRLQVFPNIQNPDPAVYQLRDSKSSDKSVCLFTDFDSQTNVSQSKDSDVYITDKCVL
DMRSMDFKSNSAVAWSNKSDFACANAFNNSIIPEDTFFPSPESS
;
D
2 'polypeptide(L)'
;MDVKVTQSSRYLVKRTGEKVFLECVQDMDHENMFWYRQDPGLGLRLIYFSYDVKMKEKGDIPEGYSVSREKKERFSLILE
SASTNQTSMYLCASSPSGYQETQYFGPGTRLLVLEDLKNVFPPEVAVFEPSEAEISHTQKATLVCLATGFYPDHVELSWW
VNGKEVHSGVCTDPQPLKEQPALNDSRYALSSRLRVSATFWQNPRNHFRCQVQFYGLSENDEWTQDRAKPVTQIVSAEAW
GRAD
;
E
#
# COMPACT_ATOMS: atom_id res chain seq x y z
N GLU A 2 -14.26 -0.33 -28.67
CA GLU A 2 -13.26 0.23 -27.78
C GLU A 2 -13.93 0.39 -26.43
N ASP A 3 -15.04 -0.32 -26.29
CA ASP A 3 -15.96 -0.06 -25.20
C ASP A 3 -15.56 -0.73 -23.90
N LYS A 4 -15.35 -2.06 -23.90
CA LYS A 4 -15.29 -2.81 -22.63
C LYS A 4 -14.24 -3.93 -22.51
N VAL A 5 -13.73 -4.08 -21.29
CA VAL A 5 -12.84 -5.18 -20.91
C VAL A 5 -13.42 -5.81 -19.64
N VAL A 6 -13.63 -7.13 -19.68
CA VAL A 6 -14.27 -7.83 -18.57
C VAL A 6 -13.31 -8.82 -17.95
N GLN A 7 -13.06 -8.66 -16.65
CA GLN A 7 -12.19 -9.58 -15.93
C GLN A 7 -12.93 -10.54 -15.02
N SER A 8 -12.38 -11.74 -14.89
N SER A 8 -12.37 -11.74 -14.87
CA SER A 8 -12.94 -12.77 -14.01
CA SER A 8 -12.94 -12.75 -13.99
C SER A 8 -11.81 -13.60 -13.42
C SER A 8 -11.83 -13.63 -13.43
N PRO A 9 -11.96 -14.06 -12.17
CA PRO A 9 -13.05 -13.73 -11.25
C PRO A 9 -12.92 -12.31 -10.71
N LEU A 10 -13.91 -11.84 -9.95
CA LEU A 10 -13.80 -10.53 -9.31
C LEU A 10 -12.75 -10.54 -8.19
N SER A 11 -12.78 -11.59 -7.38
CA SER A 11 -11.76 -11.74 -6.36
C SER A 11 -11.59 -13.19 -5.94
N LEU A 12 -10.38 -13.48 -5.48
CA LEU A 12 -9.93 -14.84 -5.19
C LEU A 12 -9.05 -14.81 -3.95
N VAL A 13 -9.28 -15.74 -3.02
CA VAL A 13 -8.43 -15.91 -1.84
C VAL A 13 -7.90 -17.34 -1.83
N VAL A 14 -6.58 -17.51 -1.84
CA VAL A 14 -6.01 -18.85 -1.85
C VAL A 14 -4.90 -18.97 -0.83
N HIS A 15 -4.52 -20.22 -0.54
CA HIS A 15 -3.29 -20.49 0.18
C HIS A 15 -2.09 -20.51 -0.75
N GLU A 16 -0.95 -20.10 -0.21
CA GLU A 16 0.34 -20.25 -0.90
C GLU A 16 0.49 -21.64 -1.48
N GLY A 17 1.00 -21.72 -2.70
CA GLY A 17 1.23 -22.99 -3.35
C GLY A 17 0.15 -23.32 -4.37
N ASP A 18 -1.02 -22.71 -4.26
CA ASP A 18 -2.07 -22.93 -5.26
C ASP A 18 -1.70 -22.32 -6.61
N THR A 19 -2.17 -22.92 -7.69
CA THR A 19 -2.15 -22.28 -9.03
C THR A 19 -3.43 -21.51 -9.21
N VAL A 20 -3.35 -20.28 -9.73
CA VAL A 20 -4.55 -19.52 -10.00
C VAL A 20 -4.60 -19.12 -11.48
N THR A 21 -5.82 -18.97 -11.98
CA THR A 21 -6.02 -18.58 -13.37
C THR A 21 -6.93 -17.38 -13.42
N LEU A 22 -6.47 -16.33 -14.09
CA LEU A 22 -7.21 -15.08 -14.22
C LEU A 22 -7.62 -14.88 -15.66
N ASN A 23 -8.83 -14.39 -15.86
CA ASN A 23 -9.40 -14.32 -17.19
C ASN A 23 -9.72 -12.88 -17.59
N CYS A 24 -9.58 -12.59 -18.87
CA CYS A 24 -9.91 -11.27 -19.40
C CYS A 24 -10.58 -11.45 -20.75
N SER A 25 -11.72 -10.82 -20.95
CA SER A 25 -12.33 -10.84 -22.27
C SER A 25 -12.50 -9.39 -22.70
N TYR A 26 -12.47 -9.14 -24.00
CA TYR A 26 -12.54 -7.76 -24.46
C TYR A 26 -13.49 -7.60 -25.62
N GLU A 27 -14.20 -6.48 -25.60
CA GLU A 27 -15.04 -6.06 -26.72
C GLU A 27 -14.59 -4.66 -27.11
N VAL A 28 -13.65 -4.60 -28.05
CA VAL A 28 -13.14 -3.31 -28.47
C VAL A 28 -13.00 -3.25 -29.98
N THR A 29 -13.37 -2.12 -30.53
CA THR A 29 -13.19 -1.86 -31.95
C THR A 29 -11.75 -1.38 -32.16
N ASN A 30 -11.15 -1.88 -33.23
CA ASN A 30 -9.74 -1.62 -33.55
C ASN A 30 -8.79 -2.15 -32.48
N PHE A 31 -9.09 -3.33 -31.94
CA PHE A 31 -8.21 -4.00 -31.00
C PHE A 31 -6.82 -4.17 -31.59
N ARG A 32 -5.80 -3.80 -30.83
CA ARG A 32 -4.42 -3.96 -31.29
C ARG A 32 -3.67 -4.91 -30.38
N SER A 33 -3.83 -4.73 -29.09
CA SER A 33 -3.09 -5.55 -28.13
C SER A 33 -3.73 -5.56 -26.77
N LEU A 34 -3.35 -6.55 -25.96
CA LEU A 34 -3.89 -6.74 -24.62
C LEU A 34 -2.71 -6.73 -23.64
N LEU A 35 -2.87 -6.03 -22.53
CA LEU A 35 -1.81 -5.90 -21.56
C LEU A 35 -2.25 -6.38 -20.19
N TRP A 36 -1.30 -6.91 -19.42
CA TRP A 36 -1.55 -7.30 -18.04
C TRP A 36 -0.66 -6.50 -17.12
N TYR A 37 -1.25 -5.96 -16.06
CA TYR A 37 -0.51 -5.24 -15.03
C TYR A 37 -0.73 -5.86 -13.66
N LYS A 38 0.27 -5.78 -12.79
CA LYS A 38 0.11 -6.13 -11.38
C LYS A 38 0.12 -4.86 -10.57
N GLN A 39 -0.96 -4.62 -9.83
CA GLN A 39 -1.01 -3.44 -8.96
C GLN A 39 -1.05 -3.90 -7.51
N GLU A 40 0.11 -3.97 -6.86
CA GLU A 40 0.17 -4.36 -5.45
C GLU A 40 -0.45 -3.31 -4.55
N LYS A 41 -0.09 -2.06 -4.78
CA LYS A 41 -0.65 -0.93 -4.05
C LYS A 41 -0.45 0.34 -4.87
N LYS A 42 -1.57 0.87 -5.38
CA LYS A 42 -1.60 2.11 -6.16
C LYS A 42 -0.97 1.98 -7.55
N ALA A 43 0.36 1.89 -7.63
CA ALA A 43 1.05 1.98 -8.93
C ALA A 43 1.12 0.66 -9.68
N PRO A 44 0.54 0.63 -10.89
CA PRO A 44 0.58 -0.62 -11.67
C PRO A 44 1.98 -0.99 -12.15
N THR A 45 2.29 -2.27 -12.11
CA THR A 45 3.52 -2.79 -12.67
C THR A 45 3.24 -3.54 -13.97
N PHE A 46 3.86 -3.12 -15.07
CA PHE A 46 3.66 -3.79 -16.36
C PHE A 46 4.19 -5.23 -16.32
N LEU A 47 3.38 -6.17 -16.78
CA LEU A 47 3.77 -7.57 -16.87
C LEU A 47 3.97 -7.99 -18.33
N PHE A 48 2.88 -7.97 -19.09
CA PHE A 48 2.86 -8.57 -20.43
C PHE A 48 2.12 -7.74 -21.43
N MET A 49 2.59 -7.73 -22.69
CA MET A 49 1.79 -7.25 -23.80
C MET A 49 1.60 -8.36 -24.84
N LEU A 50 0.37 -8.62 -25.23
CA LEU A 50 0.08 -9.68 -26.17
C LEU A 50 -0.54 -9.13 -27.43
N THR A 51 -0.04 -9.57 -28.59
CA THR A 51 -0.56 -9.08 -29.87
C THR A 51 -0.95 -10.24 -30.76
N SER A 52 -0.25 -11.37 -30.63
CA SER A 52 -0.53 -12.53 -31.48
C SER A 52 -1.22 -13.63 -30.70
N SER A 53 -2.15 -14.32 -31.35
CA SER A 53 -2.85 -15.43 -30.72
C SER A 53 -1.95 -16.64 -30.51
N GLY A 54 -2.15 -17.31 -29.38
CA GLY A 54 -1.51 -18.59 -29.12
C GLY A 54 -0.03 -18.56 -28.86
N ILE A 55 0.52 -17.38 -28.56
CA ILE A 55 1.93 -17.26 -28.22
C ILE A 55 2.08 -16.97 -26.73
N GLU A 56 2.56 -17.94 -25.97
CA GLU A 56 2.67 -17.75 -24.53
C GLU A 56 3.78 -16.78 -24.20
N LYS A 57 3.52 -15.91 -23.22
CA LYS A 57 4.56 -15.08 -22.62
C LYS A 57 4.79 -15.64 -21.23
N LYS A 58 6.03 -15.86 -20.83
CA LYS A 58 6.27 -16.50 -19.54
C LYS A 58 7.33 -15.75 -18.76
N SER A 59 6.93 -15.30 -17.57
CA SER A 59 7.83 -14.62 -16.66
C SER A 59 7.85 -15.37 -15.34
N GLY A 60 8.70 -16.40 -15.27
CA GLY A 60 8.78 -17.26 -14.10
C GLY A 60 7.47 -17.99 -13.88
N ARG A 61 6.87 -17.77 -12.72
CA ARG A 61 5.62 -18.41 -12.36
C ARG A 61 4.41 -17.77 -13.03
N LEU A 62 4.60 -16.58 -13.59
CA LEU A 62 3.53 -15.90 -14.33
C LEU A 62 3.57 -16.24 -15.82
N SER A 63 2.42 -16.46 -16.43
CA SER A 63 2.39 -16.68 -17.85
C SER A 63 1.05 -16.24 -18.41
N SER A 64 1.06 -15.86 -19.68
CA SER A 64 -0.14 -15.34 -20.29
C SER A 64 -0.22 -15.72 -21.74
N ILE A 65 -1.43 -15.75 -22.26
CA ILE A 65 -1.65 -16.09 -23.67
C ILE A 65 -2.92 -15.43 -24.14
N LEU A 66 -2.96 -15.12 -25.44
CA LEU A 66 -4.08 -14.42 -26.04
C LEU A 66 -4.78 -15.34 -27.03
N ASP A 67 -6.11 -15.29 -27.06
CA ASP A 67 -6.88 -15.96 -28.10
C ASP A 67 -7.83 -14.96 -28.77
N LYS A 68 -7.38 -14.39 -29.89
CA LYS A 68 -8.16 -13.35 -30.55
C LYS A 68 -9.47 -13.89 -31.12
N LYS A 69 -9.52 -15.18 -31.45
CA LYS A 69 -10.75 -15.76 -31.96
C LYS A 69 -11.82 -15.73 -30.87
N GLU A 70 -11.41 -16.01 -29.64
CA GLU A 70 -12.33 -16.02 -28.49
C GLU A 70 -12.38 -14.68 -27.76
N LEU A 71 -11.62 -13.70 -28.27
CA LEU A 71 -11.55 -12.37 -27.66
C LEU A 71 -11.20 -12.45 -26.18
N SER A 72 -10.21 -13.26 -25.84
CA SER A 72 -9.89 -13.43 -24.43
C SER A 72 -8.43 -13.72 -24.20
N SER A 73 -8.01 -13.50 -22.96
CA SER A 73 -6.66 -13.77 -22.51
C SER A 73 -6.68 -14.44 -21.15
N ILE A 74 -5.66 -15.26 -20.87
CA ILE A 74 -5.53 -15.86 -19.56
C ILE A 74 -4.20 -15.42 -18.94
N LEU A 75 -4.24 -15.14 -17.65
CA LEU A 75 -3.04 -14.93 -16.86
C LEU A 75 -2.98 -16.05 -15.83
N ASN A 76 -1.94 -16.87 -15.89
CA ASN A 76 -1.80 -18.01 -14.98
C ASN A 76 -0.67 -17.75 -14.00
N ILE A 77 -0.88 -18.05 -12.72
CA ILE A 77 0.19 -17.92 -11.74
C ILE A 77 0.35 -19.24 -11.01
N THR A 78 1.50 -19.89 -11.17
CA THR A 78 1.71 -21.18 -10.51
C THR A 78 2.35 -20.98 -9.16
N ALA A 79 2.19 -21.96 -8.28
CA ALA A 79 2.83 -21.97 -6.96
C ALA A 79 2.80 -20.60 -6.29
N THR A 80 1.60 -20.08 -6.07
CA THR A 80 1.45 -18.71 -5.60
C THR A 80 2.18 -18.45 -4.29
N GLN A 81 2.64 -17.21 -4.13
CA GLN A 81 3.29 -16.76 -2.92
C GLN A 81 2.51 -15.58 -2.36
N THR A 82 2.66 -15.33 -1.06
CA THR A 82 1.95 -14.21 -0.43
C THR A 82 2.24 -12.89 -1.18
N GLY A 83 3.44 -12.77 -1.74
CA GLY A 83 3.82 -11.57 -2.47
C GLY A 83 3.10 -11.37 -3.81
N ASP A 84 2.39 -12.41 -4.26
CA ASP A 84 1.55 -12.31 -5.46
C ASP A 84 0.27 -11.53 -5.19
N SER A 85 -0.06 -11.32 -3.93
CA SER A 85 -1.29 -10.63 -3.55
C SER A 85 -1.31 -9.23 -4.15
N ALA A 86 -2.34 -8.93 -4.92
CA ALA A 86 -2.41 -7.69 -5.67
C ALA A 86 -3.75 -7.63 -6.42
N ILE A 87 -4.03 -6.49 -7.00
CA ILE A 87 -5.07 -6.42 -8.01
C ILE A 87 -4.39 -6.61 -9.36
N TYR A 88 -4.86 -7.57 -10.15
CA TYR A 88 -4.31 -7.75 -11.49
C TYR A 88 -5.24 -7.09 -12.51
N LEU A 89 -4.67 -6.21 -13.32
CA LEU A 89 -5.40 -5.40 -14.30
C LEU A 89 -5.14 -5.88 -15.71
N CYS A 90 -6.22 -6.04 -16.46
CA CYS A 90 -6.17 -6.27 -17.89
C CYS A 90 -6.48 -4.95 -18.60
N ALA A 91 -5.76 -4.64 -19.68
CA ALA A 91 -6.13 -3.47 -20.50
C ALA A 91 -6.04 -3.79 -21.98
N ALA A 92 -6.97 -3.25 -22.77
CA ALA A 92 -6.88 -3.39 -24.22
C ALA A 92 -6.44 -2.09 -24.83
N TYR A 93 -5.53 -2.18 -25.80
CA TYR A 93 -5.09 -1.04 -26.58
C TYR A 93 -5.86 -1.00 -27.90
N ASN A 94 -6.49 0.13 -28.21
CA ASN A 94 -7.31 0.25 -29.41
C ASN A 94 -6.71 1.17 -30.48
N THR A 95 -5.39 1.28 -30.49
CA THR A 95 -4.59 2.20 -31.33
C THR A 95 -4.66 3.65 -30.87
N ASP A 96 -5.52 3.94 -29.90
CA ASP A 96 -5.63 5.31 -29.39
C ASP A 96 -5.27 5.41 -27.90
N LYS A 97 -5.85 4.56 -27.06
CA LYS A 97 -5.58 4.59 -25.63
C LYS A 97 -5.74 3.21 -25.03
N LEU A 98 -5.37 3.08 -23.76
CA LEU A 98 -5.63 1.87 -22.98
C LEU A 98 -7.03 1.88 -22.41
N ILE A 99 -7.74 0.76 -22.59
CA ILE A 99 -9.06 0.58 -22.03
C ILE A 99 -8.88 -0.43 -20.90
N PHE A 100 -9.02 0.03 -19.66
CA PHE A 100 -8.74 -0.81 -18.49
C PHE A 100 -9.92 -1.64 -18.04
N GLY A 101 -9.64 -2.85 -17.57
CA GLY A 101 -10.67 -3.65 -16.94
C GLY A 101 -10.76 -3.19 -15.49
N THR A 102 -11.67 -3.77 -14.71
CA THR A 102 -11.84 -3.28 -13.34
C THR A 102 -11.01 -4.12 -12.33
N GLY A 103 -10.30 -5.12 -12.83
CA GLY A 103 -9.33 -5.83 -12.02
C GLY A 103 -9.84 -7.11 -11.36
N THR A 104 -8.92 -8.01 -11.06
CA THR A 104 -9.18 -9.18 -10.22
C THR A 104 -8.35 -9.03 -8.96
N ARG A 105 -8.99 -9.06 -7.81
CA ARG A 105 -8.24 -8.98 -6.59
C ARG A 105 -7.80 -10.38 -6.18
N LEU A 106 -6.50 -10.55 -6.01
CA LEU A 106 -5.94 -11.83 -5.55
C LEU A 106 -5.33 -11.65 -4.16
N GLN A 107 -5.76 -12.46 -3.20
CA GLN A 107 -5.08 -12.53 -1.90
C GLN A 107 -4.51 -13.92 -1.72
N VAL A 108 -3.24 -13.99 -1.37
CA VAL A 108 -2.60 -15.27 -1.12
C VAL A 108 -2.15 -15.30 0.33
N PHE A 109 -2.69 -16.25 1.10
CA PHE A 109 -2.40 -16.39 2.52
C PHE A 109 -1.35 -17.46 2.76
N PRO A 110 -0.51 -17.27 3.79
CA PRO A 110 0.45 -18.33 4.08
C PRO A 110 -0.27 -19.56 4.58
N ASN A 111 0.29 -20.72 4.30
CA ASN A 111 -0.30 -21.98 4.73
C ASN A 111 0.38 -22.39 6.03
N ILE A 112 -0.25 -22.06 7.15
CA ILE A 112 0.41 -22.21 8.45
C ILE A 112 0.29 -23.65 8.89
N GLN A 113 1.39 -24.38 8.77
CA GLN A 113 1.39 -25.82 9.01
C GLN A 113 1.21 -26.16 10.48
N ASN A 114 1.89 -25.41 11.34
CA ASN A 114 1.83 -25.67 12.77
C ASN A 114 1.44 -24.42 13.54
N PRO A 115 0.14 -24.08 13.54
CA PRO A 115 -0.24 -22.84 14.21
C PRO A 115 0.06 -22.89 15.70
N ASP A 116 0.37 -21.72 16.27
CA ASP A 116 0.68 -21.63 17.68
C ASP A 116 -0.02 -20.40 18.21
N PRO A 117 -1.36 -20.33 18.06
CA PRO A 117 -2.04 -19.05 18.36
C PRO A 117 -1.78 -18.60 19.79
N ALA A 118 -1.53 -17.32 19.95
CA ALA A 118 -1.22 -16.74 21.25
C ALA A 118 -1.52 -15.26 21.24
N VAL A 119 -1.87 -14.73 22.41
CA VAL A 119 -2.00 -13.29 22.60
C VAL A 119 -0.96 -12.87 23.62
N TYR A 120 0.02 -12.10 23.18
CA TYR A 120 1.09 -11.65 24.05
C TYR A 120 0.88 -10.20 24.45
N GLN A 121 1.22 -9.88 25.69
CA GLN A 121 1.23 -8.49 26.10
C GLN A 121 2.64 -7.92 25.93
N LEU A 122 2.72 -6.82 25.20
CA LEU A 122 3.98 -6.10 24.95
C LEU A 122 4.03 -4.77 25.69
N ARG A 123 5.15 -4.47 26.35
CA ARG A 123 5.23 -3.17 27.04
C ARG A 123 6.03 -2.10 26.28
N ASP A 124 5.72 -0.83 26.56
CA ASP A 124 6.38 0.34 25.95
C ASP A 124 7.87 0.44 26.28
N SER A 125 8.69 0.75 25.27
CA SER A 125 10.12 0.98 25.47
C SER A 125 10.37 2.14 26.43
N LYS A 126 9.52 3.16 26.36
CA LYS A 126 9.63 4.34 27.22
C LYS A 126 8.91 4.15 28.56
N SER A 127 7.60 4.37 28.56
CA SER A 127 6.81 4.29 29.79
C SER A 127 5.31 4.34 29.53
N LYS A 130 1.56 3.29 26.76
CA LYS A 130 0.58 2.33 27.30
C LYS A 130 1.13 0.90 27.23
N SER A 131 0.33 0.01 26.67
CA SER A 131 0.77 -1.33 26.28
C SER A 131 -0.12 -1.84 25.16
N VAL A 132 0.40 -2.78 24.38
CA VAL A 132 -0.40 -3.36 23.31
C VAL A 132 -0.47 -4.87 23.47
N CYS A 133 -1.45 -5.46 22.81
CA CYS A 133 -1.64 -6.89 22.78
C CYS A 133 -1.36 -7.38 21.37
N LEU A 134 -0.59 -8.45 21.28
CA LEU A 134 -0.24 -9.04 19.99
C LEU A 134 -0.84 -10.42 19.82
N PHE A 135 -1.81 -10.55 18.94
CA PHE A 135 -2.39 -11.84 18.56
C PHE A 135 -1.58 -12.38 17.40
N THR A 136 -0.97 -13.54 17.56
CA THR A 136 -0.03 -14.00 16.54
C THR A 136 0.01 -15.52 16.40
N ASP A 137 0.55 -15.96 15.27
CA ASP A 137 0.81 -17.36 14.94
C ASP A 137 -0.48 -18.18 14.76
N PHE A 138 -1.56 -17.52 14.37
CA PHE A 138 -2.79 -18.23 14.06
C PHE A 138 -2.85 -18.60 12.56
N ASP A 139 -3.73 -19.52 12.22
CA ASP A 139 -3.79 -20.03 10.87
C ASP A 139 -4.59 -19.07 10.01
N SER A 140 -4.39 -19.12 8.69
CA SER A 140 -4.81 -18.00 7.85
C SER A 140 -6.33 -17.92 7.67
N GLN A 141 -7.03 -18.95 8.14
CA GLN A 141 -8.49 -18.95 8.08
C GLN A 141 -9.13 -18.23 9.27
N THR A 142 -8.35 -17.98 10.34
CA THR A 142 -8.80 -17.17 11.47
C THR A 142 -9.08 -15.74 11.01
N ASN A 143 -10.22 -15.18 11.43
CA ASN A 143 -10.61 -13.81 11.07
C ASN A 143 -10.56 -12.88 12.27
N VAL A 144 -9.89 -11.74 12.12
CA VAL A 144 -9.80 -10.76 13.20
C VAL A 144 -10.90 -9.72 13.03
N SER A 145 -11.80 -9.64 14.00
CA SER A 145 -12.87 -8.64 13.95
C SER A 145 -12.38 -7.28 14.43
N GLN A 146 -12.86 -6.22 13.78
CA GLN A 146 -12.64 -4.87 14.27
C GLN A 146 -13.22 -4.69 15.67
N SER A 147 -12.79 -3.63 16.34
CA SER A 147 -13.21 -3.37 17.71
C SER A 147 -14.68 -2.98 17.82
N LYS A 148 -15.30 -3.32 18.94
CA LYS A 148 -16.68 -2.94 19.23
C LYS A 148 -16.73 -1.63 20.01
N ASP A 149 -15.62 -1.29 20.68
CA ASP A 149 -15.50 -0.06 21.43
C ASP A 149 -14.60 0.92 20.68
N SER A 150 -15.04 2.16 20.54
CA SER A 150 -14.28 3.14 19.76
C SER A 150 -13.00 3.62 20.48
N ASP A 151 -12.83 3.21 21.74
CA ASP A 151 -11.62 3.53 22.49
C ASP A 151 -10.66 2.34 22.49
N VAL A 152 -10.99 1.31 21.71
CA VAL A 152 -10.13 0.16 21.54
C VAL A 152 -9.80 0.03 20.06
N TYR A 153 -8.53 -0.14 19.76
CA TYR A 153 -8.06 -0.19 18.37
C TYR A 153 -7.53 -1.56 18.03
N ILE A 154 -8.04 -2.13 16.93
CA ILE A 154 -7.62 -3.44 16.50
C ILE A 154 -7.33 -3.43 15.00
N THR A 155 -6.13 -3.87 14.66
CA THR A 155 -5.71 -3.90 13.26
C THR A 155 -6.19 -5.18 12.60
N ASP A 156 -6.18 -5.21 11.27
CA ASP A 156 -6.42 -6.46 10.58
C ASP A 156 -5.17 -7.34 10.70
N LYS A 157 -5.30 -8.60 10.30
CA LYS A 157 -4.14 -9.47 10.30
C LYS A 157 -3.17 -9.04 9.20
N CYS A 158 -1.91 -9.36 9.40
CA CYS A 158 -0.81 -8.90 8.56
C CYS A 158 0.17 -10.05 8.48
N VAL A 159 0.69 -10.37 7.30
CA VAL A 159 1.66 -11.46 7.17
C VAL A 159 3.10 -10.95 7.17
N LEU A 160 3.94 -11.49 8.04
CA LEU A 160 5.36 -11.14 7.96
C LEU A 160 6.18 -12.34 7.56
N ASP A 161 7.30 -12.06 6.91
CA ASP A 161 8.14 -13.09 6.32
C ASP A 161 9.55 -13.00 6.88
N MET A 162 9.91 -13.99 7.68
CA MET A 162 11.29 -14.09 8.16
C MET A 162 12.04 -14.93 7.14
N ARG A 163 12.52 -14.25 6.10
CA ARG A 163 12.93 -14.90 4.85
C ARG A 163 14.04 -15.93 5.05
N SER A 164 15.05 -15.56 5.83
CA SER A 164 16.16 -16.48 6.09
C SER A 164 15.73 -17.72 6.88
N MET A 165 14.59 -17.63 7.56
CA MET A 165 14.06 -18.77 8.31
C MET A 165 13.03 -19.58 7.52
N ASP A 166 12.68 -19.11 6.32
CA ASP A 166 11.58 -19.68 5.54
C ASP A 166 10.33 -19.80 6.42
N PHE A 167 10.04 -18.73 7.13
CA PHE A 167 8.97 -18.74 8.12
C PHE A 167 8.06 -17.53 7.97
N LYS A 168 6.78 -17.78 7.71
CA LYS A 168 5.81 -16.69 7.64
C LYS A 168 4.84 -16.81 8.80
N SER A 169 4.32 -15.69 9.26
CA SER A 169 3.37 -15.72 10.36
C SER A 169 2.39 -14.55 10.27
N ASN A 170 1.17 -14.82 10.73
CA ASN A 170 0.09 -13.84 10.84
C ASN A 170 0.11 -13.14 12.19
N SER A 171 -0.25 -11.86 12.22
CA SER A 171 -0.58 -11.26 13.50
C SER A 171 -1.47 -10.07 13.36
N ALA A 172 -2.11 -9.69 14.46
CA ALA A 172 -2.95 -8.51 14.55
C ALA A 172 -2.62 -7.83 15.84
N VAL A 173 -2.79 -6.53 15.92
CA VAL A 173 -2.43 -5.78 17.13
C VAL A 173 -3.67 -5.13 17.73
N ALA A 174 -3.79 -5.16 19.06
CA ALA A 174 -4.84 -4.41 19.72
C ALA A 174 -4.24 -3.52 20.81
N TRP A 175 -4.78 -2.32 20.96
CA TRP A 175 -4.37 -1.46 22.07
C TRP A 175 -5.49 -0.52 22.50
N SER A 176 -5.32 0.01 23.70
CA SER A 176 -6.27 0.94 24.31
C SER A 176 -5.64 1.52 25.57
N ASN A 177 -6.10 2.68 26.00
CA ASN A 177 -5.64 3.20 27.28
C ASN A 177 -6.71 3.04 28.36
N LYS A 178 -7.85 2.47 27.96
CA LYS A 178 -8.95 2.20 28.90
C LYS A 178 -8.54 1.30 30.06
N SER A 179 -9.17 1.52 31.21
CA SER A 179 -8.91 0.71 32.39
C SER A 179 -9.36 -0.72 32.19
N ASP A 180 -10.50 -0.87 31.52
CA ASP A 180 -11.16 -2.16 31.34
C ASP A 180 -10.38 -3.08 30.38
N PHE A 181 -9.43 -2.52 29.65
CA PHE A 181 -8.77 -3.25 28.58
C PHE A 181 -7.63 -4.14 29.08
N ALA A 182 -7.63 -5.38 28.60
CA ALA A 182 -6.63 -6.37 28.94
C ALA A 182 -6.50 -7.36 27.79
N CYS A 183 -5.32 -7.97 27.65
CA CYS A 183 -5.11 -8.89 26.55
C CYS A 183 -6.07 -10.08 26.60
N ALA A 184 -6.49 -10.45 27.82
CA ALA A 184 -7.49 -11.49 27.99
C ALA A 184 -8.79 -11.20 27.23
N ASN A 185 -9.19 -9.93 27.18
CA ASN A 185 -10.46 -9.59 26.53
C ASN A 185 -10.32 -8.81 25.22
N ALA A 186 -9.07 -8.52 24.83
CA ALA A 186 -8.80 -7.68 23.67
C ALA A 186 -9.49 -8.15 22.39
N PHE A 187 -9.38 -9.44 22.09
CA PHE A 187 -9.92 -9.97 20.84
C PHE A 187 -11.24 -10.72 21.03
N ASN A 188 -12.01 -10.31 22.04
CA ASN A 188 -13.27 -10.98 22.35
C ASN A 188 -14.30 -10.94 21.22
N ASN A 189 -14.27 -9.90 20.41
CA ASN A 189 -15.23 -9.79 19.33
C ASN A 189 -14.82 -10.68 18.14
N SER A 190 -13.67 -11.35 18.28
CA SER A 190 -13.19 -12.29 17.26
C SER A 190 -13.40 -13.74 17.72
N ILE A 191 -13.47 -14.66 16.77
CA ILE A 191 -13.47 -16.08 17.10
C ILE A 191 -12.05 -16.63 16.98
N ILE A 192 -11.43 -16.88 18.12
CA ILE A 192 -10.05 -17.34 18.14
C ILE A 192 -10.01 -18.79 18.63
N PRO A 193 -8.92 -19.51 18.32
CA PRO A 193 -8.86 -20.92 18.71
C PRO A 193 -9.01 -21.12 20.21
N GLU A 194 -9.68 -22.20 20.59
CA GLU A 194 -9.90 -22.49 22.00
C GLU A 194 -8.59 -22.72 22.76
N ASP A 195 -7.55 -23.15 22.06
CA ASP A 195 -6.27 -23.41 22.71
C ASP A 195 -5.28 -22.23 22.57
N THR A 196 -5.79 -21.05 22.27
CA THR A 196 -4.96 -19.85 22.21
C THR A 196 -4.20 -19.66 23.53
N PHE A 197 -2.90 -19.46 23.44
CA PHE A 197 -2.02 -19.27 24.60
C PHE A 197 -2.17 -17.85 25.16
N PHE A 198 -2.61 -17.73 26.41
CA PHE A 198 -2.69 -16.43 27.10
C PHE A 198 -1.77 -16.38 28.32
N PRO A 199 -0.54 -15.90 28.15
CA PRO A 199 0.40 -15.84 29.29
C PRO A 199 -0.16 -15.05 30.48
N SER A 200 0.28 -15.36 31.69
CA SER A 200 -0.18 -14.63 32.87
C SER A 200 0.42 -13.23 32.91
N VAL B 3 13.26 3.61 -10.22
CA VAL B 3 14.22 3.03 -11.16
C VAL B 3 13.75 3.21 -12.61
N LYS B 4 12.44 3.27 -12.80
CA LYS B 4 11.87 3.46 -14.14
C LYS B 4 11.37 4.90 -14.34
N VAL B 5 10.24 5.21 -13.72
CA VAL B 5 9.65 6.54 -13.82
C VAL B 5 9.55 7.13 -12.41
N THR B 6 9.70 8.45 -12.28
CA THR B 6 9.64 9.09 -10.95
C THR B 6 8.73 10.33 -10.96
N GLN B 7 8.28 10.75 -9.78
CA GLN B 7 7.30 11.82 -9.70
C GLN B 7 7.63 12.82 -8.58
N SER B 8 6.70 13.75 -8.31
CA SER B 8 6.76 14.65 -7.14
C SER B 8 6.81 13.86 -5.85
N SER B 9 6.56 14.51 -4.73
CA SER B 9 6.46 13.80 -3.46
C SER B 9 5.31 12.80 -3.53
N ARG B 10 5.50 11.68 -2.86
CA ARG B 10 4.53 10.60 -2.83
C ARG B 10 3.21 11.04 -2.20
N TYR B 11 3.28 12.06 -1.35
CA TYR B 11 2.10 12.59 -0.66
C TYR B 11 2.11 14.10 -0.68
N LEU B 12 0.94 14.71 -0.82
CA LEU B 12 0.82 16.15 -0.87
C LEU B 12 -0.51 16.57 -0.25
N VAL B 13 -0.51 17.60 0.59
CA VAL B 13 -1.77 18.18 1.08
C VAL B 13 -1.83 19.67 0.72
N LYS B 14 -2.93 20.10 0.15
CA LYS B 14 -3.05 21.45 -0.40
C LYS B 14 -4.41 22.04 -0.07
N ARG B 15 -4.52 23.37 -0.13
CA ARG B 15 -5.78 24.05 0.14
C ARG B 15 -6.62 24.23 -1.12
N THR B 16 -7.93 24.12 -0.97
CA THR B 16 -8.88 24.43 -2.03
C THR B 16 -8.59 25.81 -2.59
N GLY B 17 -8.49 25.91 -3.91
CA GLY B 17 -8.24 27.18 -4.59
C GLY B 17 -6.79 27.38 -4.98
N GLU B 18 -5.89 26.61 -4.38
CA GLU B 18 -4.46 26.75 -4.63
C GLU B 18 -4.07 26.16 -5.99
N LYS B 19 -3.07 26.77 -6.63
CA LYS B 19 -2.51 26.26 -7.88
C LYS B 19 -1.51 25.18 -7.53
N VAL B 20 -1.75 23.96 -8.00
CA VAL B 20 -0.92 22.83 -7.63
C VAL B 20 -0.11 22.28 -8.80
N PHE B 21 1.18 22.04 -8.57
CA PHE B 21 2.06 21.48 -9.59
C PHE B 21 2.50 20.07 -9.23
N LEU B 22 2.25 19.13 -10.14
CA LEU B 22 2.78 17.77 -9.98
C LEU B 22 3.79 17.53 -11.08
N GLU B 23 4.90 16.90 -10.75
CA GLU B 23 5.96 16.67 -11.73
C GLU B 23 6.21 15.20 -11.90
N CYS B 24 6.23 14.75 -13.15
CA CYS B 24 6.67 13.41 -13.46
C CYS B 24 8.02 13.49 -14.16
N VAL B 25 9.01 12.80 -13.62
CA VAL B 25 10.31 12.73 -14.26
C VAL B 25 10.73 11.30 -14.54
N GLN B 26 10.99 10.97 -15.79
CA GLN B 26 11.44 9.64 -16.18
C GLN B 26 12.89 9.59 -16.69
N ASP B 27 13.58 8.56 -16.26
CA ASP B 27 14.96 8.19 -16.50
C ASP B 27 15.01 6.96 -17.42
N MET B 28 14.19 6.99 -18.47
CA MET B 28 14.12 5.86 -19.41
C MET B 28 14.24 6.29 -20.86
N ASP B 29 14.32 7.60 -21.09
CA ASP B 29 14.46 8.16 -22.44
C ASP B 29 13.26 7.83 -23.33
N HIS B 30 12.07 7.74 -22.74
CA HIS B 30 10.85 7.42 -23.51
C HIS B 30 10.23 8.66 -24.11
N GLU B 31 9.64 8.51 -25.29
CA GLU B 31 8.98 9.63 -25.98
C GLU B 31 7.57 9.93 -25.45
N ASN B 32 6.86 8.89 -25.04
CA ASN B 32 5.46 9.05 -24.64
C ASN B 32 5.33 9.19 -23.14
N MET B 33 4.51 10.13 -22.69
CA MET B 33 4.22 10.25 -21.25
C MET B 33 2.72 10.50 -21.08
N PHE B 34 2.20 10.09 -19.92
CA PHE B 34 0.77 10.04 -19.68
C PHE B 34 0.49 10.48 -18.24
N TRP B 35 -0.60 11.22 -18.02
CA TRP B 35 -1.07 11.50 -16.66
C TRP B 35 -2.45 10.88 -16.43
N TYR B 36 -2.56 10.11 -15.35
CA TYR B 36 -3.79 9.48 -14.94
C TYR B 36 -4.17 9.90 -13.53
N ARG B 37 -5.46 9.81 -13.20
CA ARG B 37 -5.79 9.74 -11.80
C ARG B 37 -6.39 8.37 -11.55
N GLN B 38 -6.38 7.97 -10.29
CA GLN B 38 -6.86 6.66 -9.89
C GLN B 38 -7.76 6.86 -8.68
N ASP B 39 -9.01 6.42 -8.80
CA ASP B 39 -9.99 6.58 -7.74
C ASP B 39 -10.73 5.27 -7.47
N PRO B 40 -11.10 5.03 -6.21
CA PRO B 40 -11.89 3.83 -5.86
C PRO B 40 -13.13 3.67 -6.72
N GLY B 41 -13.33 2.49 -7.26
CA GLY B 41 -14.50 2.21 -8.07
C GLY B 41 -14.34 2.60 -9.53
N LEU B 42 -13.42 3.52 -9.82
CA LEU B 42 -13.26 4.03 -11.18
C LEU B 42 -11.97 3.60 -11.85
N GLY B 43 -11.01 3.10 -11.08
CA GLY B 43 -9.72 2.73 -11.62
C GLY B 43 -8.99 3.90 -12.26
N LEU B 44 -8.18 3.61 -13.28
CA LEU B 44 -7.36 4.61 -13.94
C LEU B 44 -8.14 5.35 -15.00
N ARG B 45 -8.10 6.67 -14.95
CA ARG B 45 -8.66 7.50 -16.00
C ARG B 45 -7.60 8.48 -16.52
N LEU B 46 -7.51 8.56 -17.84
CA LEU B 46 -6.46 9.31 -18.50
C LEU B 46 -6.82 10.80 -18.52
N ILE B 47 -5.93 11.63 -17.99
CA ILE B 47 -6.16 13.08 -17.96
C ILE B 47 -5.60 13.76 -19.22
N TYR B 48 -4.32 13.50 -19.50
CA TYR B 48 -3.57 14.12 -20.60
C TYR B 48 -2.44 13.21 -21.00
N PHE B 49 -2.00 13.30 -22.25
CA PHE B 49 -0.82 12.55 -22.65
C PHE B 49 -0.02 13.34 -23.67
N SER B 50 1.22 12.92 -23.87
CA SER B 50 2.17 13.63 -24.70
C SER B 50 3.01 12.63 -25.49
N TYR B 51 2.97 12.72 -26.82
CA TYR B 51 3.69 11.75 -27.66
C TYR B 51 5.11 12.19 -27.96
N ASP B 52 5.43 13.45 -27.67
CA ASP B 52 6.80 13.95 -27.79
C ASP B 52 6.94 15.30 -27.11
N VAL B 53 8.18 15.78 -27.06
CA VAL B 53 8.49 17.10 -26.52
C VAL B 53 7.56 18.17 -27.11
N LYS B 54 7.08 19.06 -26.25
CA LYS B 54 6.18 20.16 -26.64
C LYS B 54 4.87 19.72 -27.30
N MET B 55 4.55 18.42 -27.23
CA MET B 55 3.27 17.92 -27.69
C MET B 55 2.39 17.56 -26.49
N LYS B 56 1.08 17.73 -26.65
CA LYS B 56 0.11 17.30 -25.63
C LYS B 56 -1.21 17.00 -26.32
N GLU B 57 -2.00 16.15 -25.71
CA GLU B 57 -3.36 15.91 -26.18
C GLU B 57 -4.24 15.56 -24.99
N LYS B 58 -5.44 16.13 -24.95
CA LYS B 58 -6.37 15.87 -23.86
C LYS B 58 -6.73 14.40 -23.81
N GLY B 59 -6.82 13.86 -22.59
CA GLY B 59 -7.30 12.49 -22.41
C GLY B 59 -8.80 12.47 -22.23
N ASP B 60 -9.30 11.55 -21.41
CA ASP B 60 -10.74 11.43 -21.18
C ASP B 60 -11.28 12.47 -20.21
N ILE B 61 -10.47 12.89 -19.25
CA ILE B 61 -10.95 13.80 -18.22
C ILE B 61 -9.98 14.96 -18.01
N PRO B 62 -9.76 15.78 -19.05
CA PRO B 62 -8.79 16.88 -18.92
C PRO B 62 -9.28 18.06 -18.09
N GLU B 63 -10.59 18.18 -17.87
CA GLU B 63 -11.14 19.38 -17.24
C GLU B 63 -10.58 19.66 -15.84
N GLY B 64 -10.14 20.90 -15.62
CA GLY B 64 -9.55 21.28 -14.34
C GLY B 64 -8.04 21.06 -14.28
N TYR B 65 -7.48 20.55 -15.37
CA TYR B 65 -6.05 20.24 -15.44
C TYR B 65 -5.37 20.92 -16.62
N SER B 66 -4.07 21.16 -16.47
CA SER B 66 -3.21 21.63 -17.56
C SER B 66 -1.95 20.78 -17.56
N VAL B 67 -1.27 20.70 -18.71
CA VAL B 67 0.03 20.03 -18.73
C VAL B 67 1.02 20.79 -19.59
N SER B 68 2.29 20.52 -19.34
CA SER B 68 3.33 21.01 -20.24
C SER B 68 4.40 19.93 -20.37
N ARG B 69 4.97 19.84 -21.56
CA ARG B 69 6.04 18.88 -21.84
C ARG B 69 7.24 19.65 -22.39
N GLU B 70 7.90 20.43 -21.55
CA GLU B 70 9.00 21.28 -21.99
C GLU B 70 10.23 20.47 -22.38
N LYS B 71 10.47 19.37 -21.67
CA LYS B 71 11.62 18.52 -21.94
C LYS B 71 11.17 17.07 -22.08
N LYS B 72 11.99 16.26 -22.72
CA LYS B 72 11.63 14.87 -22.97
C LYS B 72 11.46 14.07 -21.67
N GLU B 73 12.25 14.39 -20.66
CA GLU B 73 12.23 13.55 -19.46
C GLU B 73 11.16 13.97 -18.45
N ARG B 74 10.41 15.02 -18.73
CA ARG B 74 9.53 15.60 -17.73
C ARG B 74 8.14 15.95 -18.27
N PHE B 75 7.11 15.57 -17.52
CA PHE B 75 5.72 15.85 -17.90
C PHE B 75 5.04 16.50 -16.70
N SER B 76 4.73 17.80 -16.81
CA SER B 76 4.17 18.53 -15.68
C SER B 76 2.65 18.56 -15.72
N LEU B 77 2.02 18.32 -14.57
CA LEU B 77 0.57 18.42 -14.45
C LEU B 77 0.24 19.59 -13.55
N ILE B 78 -0.70 20.42 -13.99
CA ILE B 78 -1.05 21.60 -13.22
C ILE B 78 -2.54 21.60 -12.90
N LEU B 79 -2.86 21.88 -11.64
CA LEU B 79 -4.25 22.10 -11.22
C LEU B 79 -4.36 23.57 -10.98
N GLU B 80 -5.07 24.26 -11.88
CA GLU B 80 -5.09 25.71 -11.85
C GLU B 80 -5.71 26.23 -10.54
N SER B 81 -6.77 25.57 -10.09
CA SER B 81 -7.44 25.95 -8.85
C SER B 81 -7.96 24.69 -8.16
N ALA B 82 -7.19 24.15 -7.23
CA ALA B 82 -7.48 22.82 -6.69
C ALA B 82 -8.87 22.75 -6.08
N SER B 83 -9.63 21.74 -6.49
N SER B 83 -9.64 21.75 -6.51
CA SER B 83 -10.94 21.49 -5.89
CA SER B 83 -10.95 21.47 -5.92
C SER B 83 -10.86 20.22 -5.05
C SER B 83 -10.86 20.22 -5.05
N THR B 84 -11.78 20.10 -4.09
CA THR B 84 -11.76 18.92 -3.22
C THR B 84 -12.00 17.64 -4.03
N ASN B 85 -12.71 17.73 -5.15
CA ASN B 85 -12.91 16.51 -5.93
C ASN B 85 -11.70 16.19 -6.83
N GLN B 86 -10.64 16.96 -6.70
CA GLN B 86 -9.38 16.59 -7.34
C GLN B 86 -8.46 15.84 -6.36
N THR B 87 -8.95 15.62 -5.15
CA THR B 87 -8.29 14.69 -4.22
C THR B 87 -8.25 13.33 -4.91
N SER B 88 -7.05 12.76 -5.07
CA SER B 88 -6.90 11.51 -5.83
C SER B 88 -5.50 10.97 -5.71
N MET B 89 -5.30 9.80 -6.31
CA MET B 89 -3.97 9.26 -6.58
C MET B 89 -3.61 9.60 -8.03
N TYR B 90 -2.55 10.37 -8.21
CA TYR B 90 -2.11 10.79 -9.54
C TYR B 90 -0.94 9.93 -10.00
N LEU B 91 -1.12 9.29 -11.14
CA LEU B 91 -0.10 8.38 -11.66
C LEU B 91 0.38 8.83 -13.03
N CYS B 92 1.70 8.93 -13.18
CA CYS B 92 2.31 9.25 -14.47
C CYS B 92 2.87 7.97 -15.05
N ALA B 93 2.87 7.85 -16.38
CA ALA B 93 3.49 6.69 -17.02
C ALA B 93 4.25 7.16 -18.24
N SER B 94 5.12 6.30 -18.74
CA SER B 94 5.82 6.58 -19.98
C SER B 94 5.98 5.32 -20.82
N SER B 95 6.13 5.50 -22.12
CA SER B 95 6.35 4.36 -23.01
C SER B 95 7.27 4.77 -24.16
N PRO B 96 8.04 3.82 -24.68
CA PRO B 96 8.95 4.15 -25.78
C PRO B 96 8.18 4.32 -27.09
N SER B 97 8.75 5.04 -28.05
CA SER B 97 8.08 5.19 -29.33
C SER B 97 8.00 3.83 -30.00
N GLY B 98 6.89 3.56 -30.65
CA GLY B 98 6.69 2.26 -31.28
C GLY B 98 6.04 1.27 -30.34
N TYR B 99 6.00 1.60 -29.04
CA TYR B 99 5.35 0.76 -28.05
C TYR B 99 4.56 1.64 -27.13
N GLN B 100 3.79 2.54 -27.73
CA GLN B 100 2.95 3.48 -26.99
C GLN B 100 2.14 2.83 -25.87
N GLU B 101 1.69 1.61 -26.09
CA GLU B 101 0.79 0.99 -25.13
C GLU B 101 1.51 0.36 -23.95
N THR B 102 2.81 0.07 -24.04
CA THR B 102 3.47 -0.55 -22.89
C THR B 102 3.92 0.54 -21.94
N GLN B 103 2.99 0.98 -21.10
CA GLN B 103 3.25 2.10 -20.22
C GLN B 103 3.85 1.65 -18.89
N TYR B 104 4.95 2.29 -18.54
CA TYR B 104 5.61 2.06 -17.27
C TYR B 104 5.25 3.17 -16.31
N PHE B 105 4.65 2.80 -15.17
CA PHE B 105 4.16 3.80 -14.23
C PHE B 105 5.17 4.19 -13.17
N GLY B 106 5.19 5.48 -12.82
CA GLY B 106 5.94 5.96 -11.69
C GLY B 106 5.21 5.60 -10.39
N PRO B 107 5.77 6.00 -9.25
CA PRO B 107 5.23 5.59 -7.94
C PRO B 107 3.94 6.31 -7.55
N GLY B 108 3.69 7.44 -8.19
CA GLY B 108 2.43 8.14 -7.94
C GLY B 108 2.54 9.21 -6.88
N THR B 109 1.56 10.11 -6.88
CA THR B 109 1.46 11.14 -5.88
C THR B 109 0.04 11.19 -5.38
N ARG B 110 -0.11 11.00 -4.07
CA ARG B 110 -1.40 11.03 -3.43
C ARG B 110 -1.70 12.46 -2.99
N LEU B 111 -2.68 13.10 -3.64
CA LEU B 111 -3.01 14.48 -3.32
C LEU B 111 -4.31 14.59 -2.53
N LEU B 112 -4.26 15.34 -1.43
CA LEU B 112 -5.44 15.66 -0.66
C LEU B 112 -5.68 17.17 -0.67
N VAL B 113 -6.87 17.56 -1.10
CA VAL B 113 -7.23 18.96 -1.15
C VAL B 113 -8.27 19.26 -0.07
N LEU B 114 -7.97 20.25 0.78
CA LEU B 114 -8.81 20.60 1.92
C LEU B 114 -9.11 22.09 1.95
N GLU B 115 -10.26 22.45 2.52
CA GLU B 115 -10.61 23.86 2.69
C GLU B 115 -9.55 24.61 3.50
N ASP B 116 -9.06 23.98 4.56
CA ASP B 116 -7.91 24.51 5.28
C ASP B 116 -7.13 23.38 5.93
N LEU B 117 -6.00 23.71 6.55
CA LEU B 117 -5.09 22.68 7.01
C LEU B 117 -5.04 22.62 8.53
N LYS B 118 -6.07 23.13 9.19
CA LYS B 118 -6.06 23.26 10.64
C LYS B 118 -6.07 21.91 11.36
N ASN B 119 -6.47 20.85 10.66
N ASN B 119 -6.47 20.85 10.66
CA ASN B 119 -6.54 19.52 11.28
CA ASN B 119 -6.53 19.52 11.26
C ASN B 119 -5.27 18.69 11.04
C ASN B 119 -5.26 18.70 11.06
N VAL B 120 -4.28 19.25 10.34
CA VAL B 120 -3.06 18.51 10.05
C VAL B 120 -2.22 18.31 11.33
N PHE B 121 -1.89 17.06 11.63
CA PHE B 121 -1.19 16.68 12.86
C PHE B 121 -0.14 15.62 12.57
N PRO B 122 1.09 15.80 13.07
CA PRO B 122 2.08 14.71 12.93
C PRO B 122 1.80 13.56 13.88
N PRO B 123 2.36 12.36 13.60
CA PRO B 123 2.13 11.23 14.49
C PRO B 123 2.96 11.31 15.76
N GLU B 124 2.46 10.66 16.79
CA GLU B 124 3.31 10.26 17.92
C GLU B 124 3.71 8.83 17.62
N VAL B 125 4.91 8.44 18.02
CA VAL B 125 5.43 7.12 17.68
C VAL B 125 5.95 6.42 18.93
N ALA B 126 5.63 5.14 19.08
CA ALA B 126 6.09 4.39 20.23
C ALA B 126 6.45 2.98 19.80
N VAL B 127 7.48 2.42 20.44
N VAL B 127 7.47 2.41 20.42
CA VAL B 127 7.90 1.05 20.20
CA VAL B 127 7.83 1.03 20.13
C VAL B 127 7.57 0.20 21.42
C VAL B 127 7.59 0.19 21.40
N PHE B 128 7.02 -0.99 21.19
CA PHE B 128 6.66 -1.89 22.28
C PHE B 128 7.50 -3.15 22.14
N GLU B 129 8.08 -3.59 23.25
CA GLU B 129 9.07 -4.67 23.23
C GLU B 129 8.48 -6.08 23.41
N PRO B 130 9.14 -7.09 22.83
CA PRO B 130 8.72 -8.50 22.85
C PRO B 130 8.40 -9.02 24.23
N SER B 131 7.31 -9.76 24.34
CA SER B 131 6.95 -10.51 25.54
C SER B 131 7.99 -11.58 25.87
N GLU B 132 8.34 -11.72 27.14
CA GLU B 132 9.22 -12.82 27.54
C GLU B 132 8.54 -14.16 27.26
N ALA B 133 7.22 -14.18 27.32
CA ALA B 133 6.49 -15.40 27.05
C ALA B 133 6.61 -15.80 25.58
N GLU B 134 6.56 -14.82 24.67
CA GLU B 134 6.76 -15.17 23.27
C GLU B 134 8.16 -15.73 23.07
N ILE B 135 9.13 -15.11 23.71
CA ILE B 135 10.51 -15.53 23.56
C ILE B 135 10.72 -16.99 24.01
N SER B 136 10.20 -17.36 25.18
CA SER B 136 10.42 -18.73 25.65
C SER B 136 9.53 -19.73 24.92
N HIS B 137 8.34 -19.30 24.48
CA HIS B 137 7.46 -20.24 23.79
C HIS B 137 7.89 -20.54 22.35
N THR B 138 8.36 -19.52 21.62
CA THR B 138 8.59 -19.61 20.18
C THR B 138 10.04 -19.42 19.73
N GLN B 139 10.90 -18.97 20.64
CA GLN B 139 12.29 -18.59 20.32
C GLN B 139 12.32 -17.49 19.23
N LYS B 140 11.25 -16.71 19.20
CA LYS B 140 11.17 -15.52 18.35
C LYS B 140 10.73 -14.33 19.19
N ALA B 141 10.84 -13.14 18.64
CA ALA B 141 10.62 -11.91 19.39
C ALA B 141 10.01 -10.85 18.48
N THR B 142 8.79 -10.42 18.79
CA THR B 142 8.13 -9.44 17.92
C THR B 142 8.09 -8.09 18.59
N LEU B 143 8.67 -7.09 17.93
CA LEU B 143 8.48 -5.70 18.31
C LEU B 143 7.29 -5.09 17.58
N VAL B 144 6.59 -4.17 18.22
CA VAL B 144 5.50 -3.47 17.57
C VAL B 144 5.76 -1.97 17.61
N CYS B 145 5.54 -1.30 16.48
CA CYS B 145 5.60 0.14 16.42
C CYS B 145 4.18 0.68 16.25
N LEU B 146 3.80 1.68 17.04
CA LEU B 146 2.51 2.34 16.86
C LEU B 146 2.70 3.81 16.50
N ALA B 147 2.07 4.23 15.41
CA ALA B 147 2.06 5.63 15.02
C ALA B 147 0.62 6.10 15.20
N THR B 148 0.40 7.12 16.02
CA THR B 148 -0.95 7.52 16.40
C THR B 148 -1.18 9.01 16.26
N GLY B 149 -2.45 9.38 16.13
CA GLY B 149 -2.88 10.77 16.19
C GLY B 149 -2.52 11.62 14.98
N PHE B 150 -2.26 11.00 13.83
CA PHE B 150 -1.80 11.79 12.69
C PHE B 150 -2.90 12.06 11.66
N TYR B 151 -2.73 13.17 10.94
CA TYR B 151 -3.64 13.56 9.88
C TYR B 151 -2.91 14.48 8.91
N PRO B 152 -3.10 14.26 7.60
CA PRO B 152 -3.87 13.18 6.98
C PRO B 152 -3.10 11.85 7.00
N ASP B 153 -3.69 10.80 6.42
N ASP B 153 -3.66 10.80 6.40
CA ASP B 153 -3.04 9.50 6.35
CA ASP B 153 -3.01 9.48 6.42
C ASP B 153 -1.93 9.51 5.30
C ASP B 153 -1.86 9.41 5.42
N HIS B 154 -0.92 10.34 5.55
CA HIS B 154 0.21 10.47 4.61
C HIS B 154 1.50 10.18 5.38
N VAL B 155 1.80 8.90 5.61
CA VAL B 155 3.00 8.51 6.36
C VAL B 155 3.73 7.35 5.68
N GLU B 156 5.02 7.24 5.95
CA GLU B 156 5.79 6.07 5.55
C GLU B 156 6.58 5.57 6.76
N LEU B 157 6.30 4.33 7.16
CA LEU B 157 6.95 3.74 8.34
C LEU B 157 8.11 2.82 7.93
N SER B 158 9.24 2.92 8.62
CA SER B 158 10.37 2.06 8.34
C SER B 158 11.01 1.59 9.65
N TRP B 159 11.67 0.43 9.60
CA TRP B 159 12.42 -0.09 10.73
C TRP B 159 13.91 -0.01 10.47
N TRP B 160 14.65 0.43 11.48
CA TRP B 160 16.09 0.58 11.38
C TRP B 160 16.77 -0.21 12.47
N VAL B 161 17.63 -1.14 12.08
CA VAL B 161 18.30 -2.01 13.03
C VAL B 161 19.80 -1.73 12.93
N ASN B 162 20.40 -1.31 14.04
CA ASN B 162 21.82 -0.96 14.04
C ASN B 162 22.17 0.03 12.93
N GLY B 163 21.31 1.02 12.74
CA GLY B 163 21.58 2.11 11.82
C GLY B 163 21.23 1.87 10.36
N LYS B 164 20.66 0.71 10.06
CA LYS B 164 20.40 0.33 8.67
C LYS B 164 18.95 -0.11 8.50
N GLU B 165 18.28 0.30 7.42
CA GLU B 165 16.88 -0.07 7.26
C GLU B 165 16.75 -1.55 6.99
N VAL B 166 15.73 -2.19 7.58
CA VAL B 166 15.50 -3.62 7.35
C VAL B 166 14.12 -3.85 6.73
N HIS B 167 13.98 -4.93 5.97
CA HIS B 167 12.69 -5.28 5.36
C HIS B 167 12.23 -6.68 5.73
N SER B 168 13.18 -7.57 5.95
CA SER B 168 12.86 -8.94 6.33
C SER B 168 12.23 -8.95 7.71
N GLY B 169 11.18 -9.76 7.88
CA GLY B 169 10.54 -9.90 9.18
C GLY B 169 9.62 -8.75 9.56
N VAL B 170 9.35 -7.85 8.62
CA VAL B 170 8.50 -6.68 8.84
C VAL B 170 7.13 -6.85 8.21
N CYS B 171 6.08 -6.48 8.95
CA CYS B 171 4.78 -6.26 8.31
C CYS B 171 4.15 -4.99 8.87
N THR B 172 3.76 -4.09 7.98
CA THR B 172 3.08 -2.86 8.37
C THR B 172 1.64 -2.90 7.88
N ASP B 173 0.68 -2.38 8.64
CA ASP B 173 -0.72 -2.42 8.22
C ASP B 173 -0.85 -1.73 6.85
N PRO B 174 -1.52 -2.38 5.90
CA PRO B 174 -1.69 -1.69 4.61
C PRO B 174 -2.65 -0.53 4.76
N GLN B 175 -3.54 -0.60 5.75
CA GLN B 175 -4.54 0.44 5.99
C GLN B 175 -4.49 0.95 7.42
N PRO B 176 -4.66 2.25 7.61
CA PRO B 176 -4.68 2.85 8.95
C PRO B 176 -6.02 2.62 9.63
N LEU B 177 -6.03 2.86 10.93
CA LEU B 177 -7.26 2.85 11.69
C LEU B 177 -7.68 4.31 11.83
N LYS B 178 -8.97 4.59 11.73
CA LYS B 178 -9.45 5.90 12.14
C LYS B 178 -9.62 5.84 13.64
N GLU B 179 -9.04 6.81 14.34
CA GLU B 179 -9.16 6.84 15.79
C GLU B 179 -10.55 7.26 16.26
N GLN B 180 -11.28 7.98 15.41
CA GLN B 180 -12.67 8.31 15.67
C GLN B 180 -13.49 8.10 14.41
N PRO B 181 -13.86 6.84 14.14
CA PRO B 181 -14.45 6.44 12.86
C PRO B 181 -15.74 7.21 12.52
N ALA B 182 -16.40 7.80 13.52
CA ALA B 182 -17.63 8.55 13.25
C ALA B 182 -17.35 9.96 12.74
N LEU B 183 -16.09 10.35 12.70
CA LEU B 183 -15.72 11.71 12.31
C LEU B 183 -15.13 11.81 10.91
N ASN B 184 -15.56 12.83 10.17
CA ASN B 184 -15.07 13.08 8.82
C ASN B 184 -13.58 13.38 8.80
N ASP B 185 -13.12 14.12 9.80
CA ASP B 185 -11.71 14.47 9.85
C ASP B 185 -11.02 13.73 10.98
N SER B 186 -11.40 12.48 11.21
CA SER B 186 -10.75 11.65 12.23
C SER B 186 -9.25 11.59 11.98
N ARG B 187 -8.46 11.56 13.05
CA ARG B 187 -7.04 11.31 12.90
C ARG B 187 -6.80 9.80 12.76
N TYR B 188 -5.57 9.42 12.45
CA TYR B 188 -5.28 8.04 12.08
C TYR B 188 -4.28 7.38 13.00
N ALA B 189 -4.28 6.04 12.97
CA ALA B 189 -3.27 5.26 13.66
C ALA B 189 -2.78 4.17 12.73
N LEU B 190 -1.53 3.75 12.91
CA LEU B 190 -0.91 2.75 12.07
C LEU B 190 -0.01 1.88 12.92
N SER B 191 -0.06 0.56 12.72
CA SER B 191 0.89 -0.31 13.44
C SER B 191 1.80 -1.06 12.48
N SER B 192 2.95 -1.49 13.00
CA SER B 192 3.87 -2.31 12.25
C SER B 192 4.49 -3.33 13.20
N ARG B 193 4.93 -4.43 12.67
CA ARG B 193 5.66 -5.41 13.45
C ARG B 193 7.00 -5.73 12.80
N LEU B 194 7.99 -6.01 13.63
CA LEU B 194 9.29 -6.48 13.23
C LEU B 194 9.58 -7.70 14.11
N ARG B 195 9.73 -8.86 13.48
CA ARG B 195 9.99 -10.08 14.25
C ARG B 195 11.38 -10.58 13.95
N VAL B 196 12.13 -10.88 15.00
CA VAL B 196 13.50 -11.36 14.91
C VAL B 196 13.67 -12.62 15.76
N SER B 197 14.80 -13.28 15.63
CA SER B 197 15.04 -14.47 16.46
C SER B 197 15.23 -14.03 17.92
N ALA B 198 14.90 -14.91 18.86
CA ALA B 198 15.11 -14.58 20.27
C ALA B 198 16.58 -14.26 20.55
N THR B 199 17.49 -14.98 19.91
CA THR B 199 18.91 -14.75 20.17
C THR B 199 19.34 -13.36 19.70
N PHE B 200 18.77 -12.90 18.60
CA PHE B 200 19.06 -11.54 18.12
C PHE B 200 18.52 -10.50 19.11
N TRP B 201 17.27 -10.69 19.55
CA TRP B 201 16.65 -9.78 20.51
C TRP B 201 17.40 -9.79 21.84
N GLN B 202 17.93 -10.95 22.22
CA GLN B 202 18.57 -11.03 23.52
C GLN B 202 19.97 -10.41 23.56
N ASN B 203 20.46 -9.92 22.44
CA ASN B 203 21.72 -9.19 22.42
C ASN B 203 21.43 -7.69 22.63
N PRO B 204 21.75 -7.16 23.82
CA PRO B 204 21.41 -5.77 24.11
C PRO B 204 22.22 -4.75 23.33
N ARG B 205 23.27 -5.16 22.63
CA ARG B 205 23.96 -4.23 21.72
C ARG B 205 23.06 -3.87 20.53
N ASN B 206 22.10 -4.74 20.19
CA ASN B 206 21.27 -4.48 19.03
C ASN B 206 20.28 -3.35 19.29
N HIS B 207 20.26 -2.39 18.37
CA HIS B 207 19.46 -1.18 18.49
C HIS B 207 18.32 -1.19 17.45
N PHE B 208 17.10 -0.94 17.89
CA PHE B 208 15.93 -1.00 17.01
C PHE B 208 15.25 0.35 16.98
N ARG B 209 15.01 0.90 15.79
CA ARG B 209 14.31 2.17 15.70
C ARG B 209 13.18 2.06 14.69
N CYS B 210 11.98 2.47 15.10
CA CYS B 210 10.84 2.64 14.22
C CYS B 210 10.79 4.11 13.79
N GLN B 211 10.80 4.37 12.47
CA GLN B 211 10.75 5.74 11.95
C GLN B 211 9.50 5.97 11.13
N VAL B 212 8.84 7.09 11.36
CA VAL B 212 7.69 7.44 10.54
C VAL B 212 7.96 8.78 9.88
N GLN B 213 8.07 8.77 8.56
CA GLN B 213 8.09 10.00 7.78
C GLN B 213 6.66 10.50 7.62
N PHE B 214 6.38 11.69 8.13
CA PHE B 214 5.08 12.32 8.02
C PHE B 214 5.13 13.39 6.91
N TYR B 215 4.14 13.40 6.03
CA TYR B 215 4.08 14.43 4.98
C TYR B 215 3.05 15.47 5.38
N GLY B 216 3.50 16.67 5.67
CA GLY B 216 2.63 17.71 6.20
C GLY B 216 2.83 19.01 5.46
N LEU B 217 2.87 20.11 6.19
CA LEU B 217 2.99 21.42 5.54
C LEU B 217 4.44 21.72 5.15
N SER B 218 4.57 22.59 4.17
CA SER B 218 5.86 23.07 3.72
C SER B 218 6.18 24.43 4.35
N GLU B 219 7.36 24.95 4.05
CA GLU B 219 7.78 26.25 4.58
C GLU B 219 6.83 27.37 4.17
N ASN B 220 6.31 27.28 2.95
CA ASN B 220 5.47 28.34 2.40
C ASN B 220 4.03 28.34 2.93
N ASP B 221 3.58 27.23 3.48
CA ASP B 221 2.23 27.14 4.02
C ASP B 221 2.09 28.02 5.26
N GLU B 222 0.93 28.68 5.41
CA GLU B 222 0.71 29.57 6.53
C GLU B 222 0.22 28.83 7.78
N TRP B 223 0.58 29.34 8.95
CA TRP B 223 0.19 28.72 10.20
C TRP B 223 0.05 29.77 11.29
N THR B 224 -1.14 29.87 11.86
CA THR B 224 -1.44 30.90 12.85
C THR B 224 -2.05 30.33 14.12
N GLN B 225 -1.86 29.03 14.33
CA GLN B 225 -2.40 28.37 15.51
C GLN B 225 -1.36 28.34 16.63
N ASP B 226 -1.80 27.96 17.83
CA ASP B 226 -0.90 27.94 18.98
C ASP B 226 0.11 26.81 18.84
N ARG B 227 -0.38 25.62 18.52
CA ARG B 227 0.49 24.45 18.45
C ARG B 227 1.53 24.60 17.34
N ALA B 228 2.60 23.82 17.46
CA ALA B 228 3.69 23.82 16.49
C ALA B 228 3.17 23.49 15.10
N LYS B 229 3.70 24.19 14.11
CA LYS B 229 3.33 23.98 12.72
C LYS B 229 3.62 22.53 12.32
N PRO B 230 2.59 21.82 11.84
CA PRO B 230 2.70 20.40 11.51
C PRO B 230 3.42 20.18 10.18
N VAL B 231 4.71 20.47 10.17
CA VAL B 231 5.51 20.35 8.97
C VAL B 231 5.85 18.91 8.66
N THR B 232 6.21 18.66 7.41
CA THR B 232 6.82 17.39 7.02
C THR B 232 7.98 17.11 7.94
N GLN B 233 8.05 15.89 8.49
CA GLN B 233 9.01 15.58 9.53
C GLN B 233 9.08 14.06 9.80
N ILE B 234 10.18 13.63 10.41
CA ILE B 234 10.29 12.26 10.87
C ILE B 234 10.08 12.22 12.37
N VAL B 235 9.30 11.25 12.83
CA VAL B 235 9.09 10.98 14.25
C VAL B 235 9.51 9.54 14.47
N SER B 236 10.25 9.28 15.54
CA SER B 236 10.72 7.92 15.78
C SER B 236 10.70 7.53 17.25
N ALA B 237 10.80 6.23 17.49
CA ALA B 237 10.99 5.71 18.84
C ALA B 237 11.94 4.53 18.74
N GLU B 238 12.59 4.18 19.84
CA GLU B 238 13.65 3.18 19.76
C GLU B 238 13.70 2.29 20.99
N ALA B 239 14.35 1.14 20.85
CA ALA B 239 14.62 0.23 21.97
C ALA B 239 15.89 -0.56 21.70
N TRP B 240 16.49 -1.13 22.75
CA TRP B 240 17.63 -2.03 22.59
C TRP B 240 17.21 -3.43 22.97
N GLY B 241 17.95 -4.42 22.51
CA GLY B 241 17.71 -5.78 22.92
C GLY B 241 17.87 -5.93 24.43
N ARG B 242 17.40 -7.05 24.94
CA ARG B 242 17.51 -7.30 26.35
C ARG B 242 17.66 -8.77 26.63
N ALA B 243 18.57 -9.05 27.53
CA ALA B 243 18.92 -10.40 27.90
C ALA B 243 17.92 -11.05 28.82
#